data_1UZI
#
_entry.id   1UZI
#
_cell.length_a   73.293
_cell.length_b   73.293
_cell.length_c   218.233
_cell.angle_alpha   90.00
_cell.angle_beta   90.00
_cell.angle_gamma   90.00
#
_symmetry.space_group_name_H-M   'I 4'
#
loop_
_entity.id
_entity.type
_entity.pdbx_description
1 polymer 'MONO-ADP-RIBOSYLTRANSFERASE C3'
2 non-polymer CYCLO-TETRAMETAVANADATE
3 non-polymer 'VANADATE ION'
4 non-polymer GLYCEROL
5 water water
#
_entity_poly.entity_id   1
_entity_poly.type   'polypeptide(L)'
_entity_poly.pdbx_seq_one_letter_code
;AYSNTYQEFTNIDQAKAWGNAQYKKYGLSKSEKEAIVSYTKSASEINGKLRQNKGVINGFPSNLIKQVELLDKSFNKMKT
PENIMLFRGDDPAYLGTEFQNTLLNSNGTINKTAFEKAKAKFLNKDRLEYGYISTSLMNVSQFAGRPIITKFKVAKGSKA
GYIDPISAFAGQLEMLLPRHSTYHIDDMRLSSDGKQIIITATMMGTAINPK
;
_entity_poly.pdbx_strand_id   A,B
#
loop_
_chem_comp.id
_chem_comp.type
_chem_comp.name
_chem_comp.formula
GOL non-polymer GLYCEROL 'C3 H8 O3'
V4O non-polymer CYCLO-TETRAMETAVANADATE 'O12 V4 -4'
VO4 non-polymer 'VANADATE ION' 'O4 V -3'
#
# COMPACT_ATOMS: atom_id res chain seq x y z
C ALA A 1 -7.85 -27.03 -19.42
N TYR A 2 -8.65 -26.20 -20.07
CA TYR A 2 -8.99 -26.44 -21.47
C TYR A 2 -8.43 -25.28 -22.27
N SER A 3 -7.36 -24.69 -21.78
CA SER A 3 -6.73 -23.58 -22.50
C SER A 3 -6.04 -24.02 -23.82
N ASN A 4 -5.92 -23.06 -24.72
CA ASN A 4 -5.29 -23.28 -26.02
C ASN A 4 -3.78 -23.07 -25.87
N THR A 5 -3.03 -23.61 -26.81
CA THR A 5 -1.57 -23.51 -26.81
C THR A 5 -1.18 -22.42 -27.81
N TYR A 6 -0.44 -21.43 -27.32
CA TYR A 6 0.16 -20.37 -28.11
C TYR A 6 1.67 -20.56 -28.17
N GLN A 7 2.24 -20.56 -29.38
CA GLN A 7 3.68 -20.73 -29.52
C GLN A 7 4.39 -19.48 -29.08
N GLU A 8 5.54 -19.64 -28.42
CA GLU A 8 6.43 -18.54 -28.19
C GLU A 8 7.72 -18.84 -28.90
N PHE A 9 8.18 -17.91 -29.75
CA PHE A 9 9.45 -18.05 -30.47
C PHE A 9 10.61 -17.91 -29.47
N THR A 10 11.59 -18.82 -29.52
CA THR A 10 12.73 -18.68 -28.61
C THR A 10 14.06 -18.53 -29.35
N ASN A 11 13.99 -18.61 -30.67
CA ASN A 11 15.16 -18.74 -31.52
C ASN A 11 15.05 -17.62 -32.58
N ILE A 12 15.65 -16.46 -32.27
CA ILE A 12 15.62 -15.28 -33.16
C ILE A 12 15.84 -15.65 -34.61
N ASP A 13 16.92 -16.37 -34.88
CA ASP A 13 17.17 -16.76 -36.25
C ASP A 13 15.93 -17.39 -36.93
N GLN A 14 15.27 -18.34 -36.25
CA GLN A 14 14.09 -19.02 -36.82
C GLN A 14 12.81 -18.16 -36.73
N ALA A 15 12.71 -17.34 -35.69
CA ALA A 15 11.71 -16.24 -35.64
C ALA A 15 11.74 -15.31 -36.87
N LYS A 16 12.94 -14.89 -37.31
CA LYS A 16 13.05 -14.13 -38.57
C LYS A 16 12.76 -14.96 -39.76
N ALA A 17 13.33 -16.19 -39.83
CA ALA A 17 13.01 -17.04 -40.98
C ALA A 17 11.50 -17.19 -41.12
N TRP A 18 10.84 -17.40 -39.99
CA TRP A 18 9.38 -17.68 -39.98
C TRP A 18 8.61 -16.45 -40.41
N GLY A 19 9.00 -15.30 -39.83
CA GLY A 19 8.42 -14.02 -40.24
C GLY A 19 8.69 -13.73 -41.69
N ASN A 20 9.96 -13.87 -42.12
CA ASN A 20 10.25 -13.67 -43.55
C ASN A 20 9.37 -14.55 -44.41
N ALA A 21 9.19 -15.79 -43.94
CA ALA A 21 8.45 -16.78 -44.72
C ALA A 21 6.98 -16.36 -44.88
N GLN A 22 6.38 -15.80 -43.81
CA GLN A 22 5.03 -15.23 -43.92
C GLN A 22 5.00 -14.03 -44.86
N TYR A 23 5.93 -13.11 -44.64
CA TYR A 23 6.03 -11.87 -45.44
C TYR A 23 6.14 -12.15 -46.94
N LYS A 24 6.89 -13.18 -47.32
CA LYS A 24 7.14 -13.44 -48.72
C LYS A 24 5.88 -13.88 -49.40
N LYS A 25 4.93 -14.35 -48.61
CA LYS A 25 3.61 -14.71 -49.11
C LYS A 25 2.58 -13.58 -49.11
N TYR A 26 2.87 -12.43 -48.46
CA TYR A 26 1.88 -11.33 -48.44
C TYR A 26 1.49 -10.80 -49.77
N GLY A 27 2.46 -10.59 -50.66
CA GLY A 27 2.14 -9.98 -51.94
C GLY A 27 1.65 -8.54 -51.85
N LEU A 28 2.25 -7.80 -50.93
CA LEU A 28 1.86 -6.41 -50.74
C LEU A 28 2.22 -5.56 -51.94
N SER A 29 1.36 -4.59 -52.22
CA SER A 29 1.62 -3.59 -53.26
C SER A 29 2.66 -2.60 -52.77
N LYS A 30 3.23 -1.83 -53.72
CA LYS A 30 4.15 -0.73 -53.39
C LYS A 30 3.52 0.26 -52.41
N SER A 31 2.26 0.63 -52.69
CA SER A 31 1.50 1.61 -51.88
C SER A 31 1.28 1.09 -50.45
N GLU A 32 1.05 -0.19 -50.31
CA GLU A 32 0.83 -0.75 -48.96
C GLU A 32 2.16 -0.78 -48.22
N LYS A 33 3.24 -1.19 -48.90
CA LYS A 33 4.57 -1.14 -48.28
C LYS A 33 4.92 0.30 -47.86
N GLU A 34 4.63 1.27 -48.72
CA GLU A 34 4.96 2.67 -48.38
C GLU A 34 4.16 3.17 -47.17
N ALA A 35 2.90 2.76 -47.09
CA ALA A 35 2.09 3.16 -45.94
C ALA A 35 2.65 2.54 -44.65
N ILE A 36 3.12 1.28 -44.71
CA ILE A 36 3.75 0.62 -43.54
C ILE A 36 5.02 1.35 -43.16
N VAL A 37 5.82 1.74 -44.18
CA VAL A 37 7.00 2.50 -43.90
C VAL A 37 6.63 3.81 -43.19
N SER A 38 5.62 4.54 -43.70
CA SER A 38 5.17 5.78 -43.04
C SER A 38 4.69 5.60 -41.61
N TYR A 39 3.95 4.53 -41.36
CA TYR A 39 3.56 4.17 -40.01
C TYR A 39 4.77 4.00 -39.08
N THR A 40 5.79 3.25 -39.50
CA THR A 40 6.95 3.03 -38.66
C THR A 40 7.68 4.33 -38.37
N LYS A 41 7.64 5.29 -39.31
CA LYS A 41 8.32 6.58 -39.08
C LYS A 41 7.57 7.53 -38.12
N SER A 42 6.26 7.38 -38.01
CA SER A 42 5.46 8.35 -37.24
C SER A 42 4.46 7.59 -36.36
N ALA A 43 4.82 6.41 -35.86
CA ALA A 43 3.80 5.56 -35.21
C ALA A 43 3.17 6.23 -33.97
N SER A 44 4.03 6.80 -33.13
CA SER A 44 3.51 7.46 -31.93
C SER A 44 2.50 8.58 -32.28
N GLU A 45 2.79 9.34 -33.32
CA GLU A 45 1.86 10.39 -33.78
C GLU A 45 0.53 9.84 -34.34
N ILE A 46 0.63 8.84 -35.24
CA ILE A 46 -0.55 8.26 -35.81
C ILE A 46 -1.45 7.60 -34.74
N ASN A 47 -0.82 6.83 -33.83
CA ASN A 47 -1.61 6.14 -32.82
C ASN A 47 -2.19 7.20 -31.86
N GLY A 48 -1.44 8.27 -31.64
CA GLY A 48 -1.93 9.33 -30.76
C GLY A 48 -3.15 10.02 -31.33
N LYS A 49 -3.15 10.24 -32.65
CA LYS A 49 -4.31 10.82 -33.30
C LYS A 49 -5.48 9.86 -33.34
N LEU A 50 -5.22 8.57 -33.55
CA LEU A 50 -6.29 7.61 -33.56
C LEU A 50 -6.97 7.59 -32.17
N ARG A 51 -6.11 7.64 -31.16
CA ARG A 51 -6.64 7.58 -29.77
C ARG A 51 -7.46 8.81 -29.42
N GLN A 52 -6.88 9.98 -29.68
CA GLN A 52 -7.58 11.25 -29.38
C GLN A 52 -8.92 11.32 -30.11
N ASN A 53 -8.97 10.80 -31.33
CA ASN A 53 -10.17 10.86 -32.15
C ASN A 53 -11.03 9.60 -32.16
N LYS A 54 -10.72 8.68 -31.25
CA LYS A 54 -11.54 7.49 -31.05
C LYS A 54 -11.74 6.67 -32.34
N GLY A 55 -10.67 6.61 -33.13
CA GLY A 55 -10.66 5.79 -34.34
C GLY A 55 -11.39 6.39 -35.52
N VAL A 56 -11.94 7.58 -35.36
CA VAL A 56 -12.54 8.30 -36.51
C VAL A 56 -11.46 9.04 -37.26
N ILE A 57 -11.31 8.78 -38.55
CA ILE A 57 -10.20 9.33 -39.28
C ILE A 57 -10.61 10.44 -40.23
N ASN A 58 -11.92 10.73 -40.34
CA ASN A 58 -12.38 11.68 -41.35
C ASN A 58 -11.72 13.06 -41.24
N GLY A 59 -11.39 13.51 -40.02
CA GLY A 59 -10.71 14.78 -39.87
C GLY A 59 -9.20 14.81 -40.07
N PHE A 60 -8.59 13.64 -40.24
CA PHE A 60 -7.13 13.58 -40.43
C PHE A 60 -6.84 14.26 -41.80
N PRO A 61 -5.62 14.78 -41.96
CA PRO A 61 -5.14 15.30 -43.25
C PRO A 61 -5.32 14.21 -44.32
N SER A 62 -5.63 14.62 -45.56
CA SER A 62 -5.95 13.69 -46.62
C SER A 62 -4.91 12.62 -46.87
N ASN A 63 -3.63 12.99 -46.80
CA ASN A 63 -2.57 12.00 -47.09
C ASN A 63 -2.51 10.92 -46.00
N LEU A 64 -2.80 11.36 -44.78
CA LEU A 64 -2.87 10.40 -43.66
C LEU A 64 -4.08 9.45 -43.79
N ILE A 65 -5.24 9.97 -44.17
CA ILE A 65 -6.38 9.12 -44.40
C ILE A 65 -6.00 8.07 -45.41
N LYS A 66 -5.29 8.51 -46.45
CA LYS A 66 -4.92 7.54 -47.51
C LYS A 66 -4.01 6.43 -46.96
N GLN A 67 -3.02 6.84 -46.18
CA GLN A 67 -2.07 5.90 -45.60
C GLN A 67 -2.78 4.93 -44.64
N VAL A 68 -3.59 5.47 -43.70
CA VAL A 68 -4.38 4.61 -42.79
C VAL A 68 -5.28 3.64 -43.51
N GLU A 69 -5.95 4.08 -44.59
CA GLU A 69 -6.83 3.09 -45.27
C GLU A 69 -6.02 2.03 -46.02
N LEU A 70 -4.85 2.41 -46.51
CA LEU A 70 -3.96 1.42 -47.16
C LEU A 70 -3.50 0.42 -46.11
N LEU A 71 -3.08 0.93 -44.94
CA LEU A 71 -2.64 0.08 -43.87
C LEU A 71 -3.73 -0.87 -43.42
N ASP A 72 -4.97 -0.34 -43.21
CA ASP A 72 -6.08 -1.15 -42.74
C ASP A 72 -6.34 -2.29 -43.73
N LYS A 73 -6.37 -1.93 -45.02
CA LYS A 73 -6.63 -2.94 -46.06
C LYS A 73 -5.46 -3.91 -46.26
N SER A 74 -4.23 -3.47 -45.99
CA SER A 74 -3.09 -4.38 -46.11
C SER A 74 -3.23 -5.63 -45.23
N PHE A 75 -3.96 -5.53 -44.08
CA PHE A 75 -4.16 -6.70 -43.24
C PHE A 75 -4.99 -7.83 -43.90
N ASN A 76 -5.69 -7.52 -44.99
CA ASN A 76 -6.36 -8.59 -45.76
C ASN A 76 -5.38 -9.65 -46.27
N LYS A 77 -4.15 -9.21 -46.49
CA LYS A 77 -3.04 -10.04 -46.98
C LYS A 77 -2.14 -10.63 -45.91
N MET A 78 -2.31 -10.18 -44.66
CA MET A 78 -1.34 -10.47 -43.59
C MET A 78 -1.97 -11.15 -42.38
N LYS A 79 -1.90 -12.48 -42.35
CA LYS A 79 -2.46 -13.29 -41.25
C LYS A 79 -1.37 -14.18 -40.67
N THR A 80 -1.49 -14.51 -39.40
CA THR A 80 -0.62 -15.49 -38.80
C THR A 80 -1.24 -16.88 -39.00
N PRO A 81 -0.45 -17.82 -39.50
CA PRO A 81 -0.92 -19.20 -39.67
C PRO A 81 -0.76 -20.06 -38.42
N GLU A 82 -0.28 -19.45 -37.33
CA GLU A 82 -0.11 -20.11 -36.04
C GLU A 82 -0.73 -19.27 -34.90
N ASN A 83 -1.14 -19.98 -33.83
CA ASN A 83 -1.41 -19.34 -32.53
C ASN A 83 -0.03 -18.88 -32.04
N ILE A 84 0.15 -17.58 -31.84
CA ILE A 84 1.46 -17.10 -31.46
C ILE A 84 1.31 -16.14 -30.28
N MET A 85 2.35 -16.07 -29.46
CA MET A 85 2.37 -15.06 -28.40
C MET A 85 3.16 -13.86 -28.95
N LEU A 86 2.65 -12.68 -28.74
CA LEU A 86 3.34 -11.46 -29.18
C LEU A 86 3.55 -10.60 -27.93
N PHE A 87 4.61 -9.80 -27.97
CA PHE A 87 5.04 -9.03 -26.76
C PHE A 87 5.06 -7.55 -27.01
N ARG A 88 4.73 -6.78 -25.99
CA ARG A 88 5.16 -5.38 -26.05
C ARG A 88 5.46 -4.88 -24.63
N GLY A 89 6.15 -3.76 -24.56
CA GLY A 89 6.43 -3.14 -23.26
C GLY A 89 5.84 -1.76 -23.29
N ASP A 90 5.27 -1.33 -22.17
CA ASP A 90 4.62 -0.03 -22.07
C ASP A 90 5.06 0.70 -20.83
N ASP A 91 4.83 2.02 -20.86
CA ASP A 91 5.12 2.90 -19.74
C ASP A 91 3.85 3.06 -18.95
N PRO A 92 3.96 3.51 -17.69
CA PRO A 92 2.82 3.63 -16.79
C PRO A 92 1.59 4.30 -17.37
N ALA A 93 1.76 5.26 -18.26
CA ALA A 93 0.58 5.94 -18.77
C ALA A 93 -0.33 4.95 -19.51
N TYR A 94 0.26 3.82 -19.95
CA TYR A 94 -0.53 2.80 -20.66
C TYR A 94 -1.75 2.43 -19.83
N LEU A 95 -1.60 2.43 -18.49
CA LEU A 95 -2.72 2.07 -17.59
C LEU A 95 -3.72 3.20 -17.30
N GLY A 96 -3.39 4.42 -17.73
CA GLY A 96 -4.21 5.60 -17.48
C GLY A 96 -3.33 6.70 -16.94
N THR A 97 -3.74 7.95 -17.12
CA THR A 97 -2.87 9.07 -16.70
C THR A 97 -2.73 9.14 -15.18
N GLU A 98 -3.77 8.73 -14.46
CA GLU A 98 -3.71 8.57 -13.01
C GLU A 98 -2.62 7.62 -12.49
N PHE A 99 -2.09 6.78 -13.38
CA PHE A 99 -0.97 5.87 -13.08
C PHE A 99 0.39 6.40 -13.55
N GLN A 100 0.39 7.48 -14.34
CA GLN A 100 1.62 7.89 -14.99
C GLN A 100 2.75 8.15 -14.01
N ASN A 101 2.44 8.94 -12.99
CA ASN A 101 3.39 9.37 -11.96
C ASN A 101 3.07 8.73 -10.60
N THR A 102 2.95 7.40 -10.57
CA THR A 102 2.31 6.73 -9.43
C THR A 102 2.69 5.25 -9.32
N LEU A 103 3.26 4.71 -10.40
CA LEU A 103 3.41 3.27 -10.55
C LEU A 103 4.59 2.67 -9.86
N LEU A 104 5.74 3.34 -9.93
CA LEU A 104 7.01 2.72 -9.51
C LEU A 104 7.49 3.20 -8.13
N ASN A 105 8.46 2.47 -7.58
CA ASN A 105 9.15 2.85 -6.35
C ASN A 105 10.60 3.24 -6.66
N SER A 106 11.29 3.81 -5.67
CA SER A 106 12.63 4.36 -5.86
C SER A 106 13.67 3.30 -6.24
N ASN A 107 13.49 2.09 -5.72
CA ASN A 107 14.32 0.96 -6.11
C ASN A 107 14.10 0.56 -7.58
N GLY A 108 12.96 0.98 -8.12
CA GLY A 108 12.55 0.59 -9.46
C GLY A 108 11.63 -0.62 -9.50
N THR A 109 11.12 -1.04 -8.34
CA THR A 109 10.08 -2.05 -8.28
C THR A 109 8.74 -1.35 -8.49
N ILE A 110 7.73 -2.10 -8.93
CA ILE A 110 6.40 -1.51 -9.11
C ILE A 110 5.66 -1.41 -7.78
N ASN A 111 4.82 -0.38 -7.65
CA ASN A 111 4.08 -0.13 -6.41
C ASN A 111 2.94 -1.13 -6.25
N LYS A 112 3.06 -2.04 -5.27
CA LYS A 112 2.00 -3.01 -4.95
C LYS A 112 0.61 -2.39 -4.95
N THR A 113 0.47 -1.24 -4.30
CA THR A 113 -0.83 -0.58 -4.20
C THR A 113 -1.24 0.04 -5.54
N ALA A 114 -0.25 0.46 -6.32
CA ALA A 114 -0.56 0.90 -7.68
C ALA A 114 -1.08 -0.33 -8.40
N PHE A 115 -0.31 -1.41 -8.34
CA PHE A 115 -0.55 -2.62 -9.13
C PHE A 115 -1.91 -3.20 -8.78
N GLU A 116 -2.26 -3.08 -7.51
CA GLU A 116 -3.54 -3.51 -7.01
C GLU A 116 -4.68 -2.72 -7.63
N LYS A 117 -4.47 -1.42 -7.79
CA LYS A 117 -5.41 -0.55 -8.49
C LYS A 117 -5.53 -0.92 -9.98
N ALA A 118 -4.41 -1.27 -10.58
CA ALA A 118 -4.36 -1.58 -12.01
C ALA A 118 -5.31 -2.76 -12.32
N LYS A 119 -5.22 -3.80 -11.51
CA LYS A 119 -6.04 -5.02 -11.68
C LYS A 119 -7.54 -4.79 -11.64
N ALA A 120 -8.04 -4.10 -10.61
CA ALA A 120 -9.48 -3.89 -10.46
C ALA A 120 -10.01 -3.16 -11.68
N LYS A 121 -9.22 -2.22 -12.17
CA LYS A 121 -9.56 -1.50 -13.36
C LYS A 121 -9.53 -2.40 -14.62
N PHE A 122 -8.59 -3.32 -14.75
CA PHE A 122 -8.34 -3.94 -16.09
C PHE A 122 -8.53 -5.44 -16.15
N LEU A 123 -8.20 -6.13 -15.05
CA LEU A 123 -8.32 -7.59 -15.03
C LEU A 123 -9.74 -8.05 -15.38
N ASN A 124 -9.83 -9.08 -16.24
CA ASN A 124 -11.10 -9.73 -16.61
C ASN A 124 -12.01 -8.80 -17.32
N LYS A 125 -11.43 -7.89 -18.12
CA LYS A 125 -12.22 -6.91 -18.85
C LYS A 125 -11.69 -6.81 -20.30
N ASP A 126 -12.58 -6.48 -21.22
CA ASP A 126 -12.20 -6.15 -22.59
C ASP A 126 -11.52 -4.78 -22.58
N ARG A 127 -10.57 -4.58 -23.49
CA ARG A 127 -9.98 -3.26 -23.72
C ARG A 127 -10.02 -3.04 -25.24
N LEU A 128 -10.51 -1.88 -25.67
CA LEU A 128 -10.46 -1.49 -27.08
C LEU A 128 -9.25 -0.58 -27.28
N GLU A 129 -8.44 -0.82 -28.31
CA GLU A 129 -7.27 0.01 -28.58
C GLU A 129 -7.53 0.75 -29.86
N TYR A 130 -7.54 2.09 -29.82
CA TYR A 130 -7.78 2.84 -31.06
C TYR A 130 -6.63 2.83 -32.03
N GLY A 131 -5.40 2.78 -31.53
CA GLY A 131 -4.22 2.84 -32.40
C GLY A 131 -3.99 1.47 -33.03
N TYR A 132 -2.99 1.39 -33.91
CA TYR A 132 -2.46 0.05 -34.29
C TYR A 132 -1.66 -0.47 -33.08
N ILE A 133 -1.47 -1.80 -32.98
CA ILE A 133 -0.64 -2.35 -31.90
C ILE A 133 0.69 -2.88 -32.46
N SER A 134 1.77 -2.16 -32.18
CA SER A 134 3.12 -2.63 -32.53
C SER A 134 3.57 -3.64 -31.45
N THR A 135 3.97 -4.84 -31.87
CA THR A 135 4.44 -5.87 -30.93
C THR A 135 5.65 -6.47 -31.53
N SER A 136 6.25 -7.37 -30.78
CA SER A 136 7.40 -8.09 -31.24
C SER A 136 7.15 -9.60 -31.13
N LEU A 137 7.75 -10.36 -32.04
CA LEU A 137 7.68 -11.84 -32.04
C LEU A 137 8.38 -12.48 -30.84
N MET A 138 9.21 -11.68 -30.17
CA MET A 138 9.93 -12.15 -28.97
C MET A 138 10.04 -10.96 -28.05
N ASN A 139 10.44 -11.23 -26.80
CA ASN A 139 10.62 -10.19 -25.78
C ASN A 139 11.96 -9.42 -25.94
N VAL A 140 12.03 -8.63 -27.01
CA VAL A 140 13.27 -7.93 -27.41
C VAL A 140 13.73 -6.83 -26.43
N SER A 141 14.99 -6.43 -26.57
CA SER A 141 15.65 -5.47 -25.67
C SER A 141 15.01 -4.07 -25.65
N GLN A 142 14.49 -3.64 -26.79
CA GLN A 142 13.62 -2.46 -26.81
C GLN A 142 12.80 -2.30 -25.50
N PHE A 143 12.26 -3.41 -24.98
CA PHE A 143 11.57 -3.41 -23.68
C PHE A 143 12.55 -3.68 -22.53
N ALA A 144 12.23 -4.63 -21.64
CA ALA A 144 13.11 -5.03 -20.53
C ALA A 144 13.42 -3.90 -19.55
N GLY A 145 13.56 -2.69 -20.07
CA GLY A 145 13.54 -1.49 -19.26
C GLY A 145 12.12 -1.18 -18.84
N ARG A 146 11.16 -1.43 -19.75
CA ARG A 146 9.77 -1.04 -19.55
C ARG A 146 9.11 -1.88 -18.44
N PRO A 147 8.35 -1.19 -17.60
CA PRO A 147 7.73 -1.77 -16.41
C PRO A 147 6.42 -2.51 -16.67
N ILE A 148 5.96 -2.57 -17.93
CA ILE A 148 4.76 -3.32 -18.22
C ILE A 148 5.08 -4.12 -19.46
N ILE A 149 4.94 -5.46 -19.36
CA ILE A 149 5.08 -6.33 -20.53
C ILE A 149 3.69 -6.95 -20.74
N THR A 150 3.19 -6.83 -21.97
CA THR A 150 1.94 -7.50 -22.33
C THR A 150 2.29 -8.65 -23.25
N LYS A 151 1.67 -9.80 -22.99
CA LYS A 151 1.85 -10.97 -23.85
C LYS A 151 0.47 -11.19 -24.44
N PHE A 152 0.36 -11.03 -25.74
CA PHE A 152 -0.95 -11.16 -26.38
C PHE A 152 -1.00 -12.54 -26.98
N LYS A 153 -2.13 -13.21 -26.78
CA LYS A 153 -2.38 -14.50 -27.43
C LYS A 153 -3.17 -14.27 -28.68
N VAL A 154 -2.55 -14.51 -29.83
CA VAL A 154 -3.17 -14.18 -31.10
C VAL A 154 -3.36 -15.49 -31.84
N ALA A 155 -4.61 -15.77 -32.19
CA ALA A 155 -4.99 -17.10 -32.70
C ALA A 155 -4.65 -17.24 -34.16
N LYS A 156 -4.45 -18.47 -34.59
CA LYS A 156 -4.35 -18.78 -36.05
C LYS A 156 -5.37 -18.02 -36.86
N GLY A 157 -4.96 -17.54 -38.05
CA GLY A 157 -5.82 -16.81 -38.96
C GLY A 157 -6.06 -15.33 -38.67
N SER A 158 -5.57 -14.84 -37.51
CA SER A 158 -5.78 -13.44 -37.14
C SER A 158 -4.96 -12.48 -38.03
N LYS A 159 -5.48 -11.29 -38.25
CA LYS A 159 -4.70 -10.22 -38.88
C LYS A 159 -3.47 -9.84 -38.04
N ALA A 160 -2.29 -9.90 -38.66
CA ALA A 160 -1.02 -9.70 -37.94
C ALA A 160 0.06 -9.70 -38.99
N GLY A 161 0.84 -8.60 -39.04
CA GLY A 161 1.81 -8.41 -40.11
C GLY A 161 3.23 -8.31 -39.60
N TYR A 162 4.12 -9.16 -40.14
CA TYR A 162 5.55 -9.16 -39.84
C TYR A 162 6.19 -8.10 -40.74
N ILE A 163 6.43 -6.92 -40.17
CA ILE A 163 6.78 -5.75 -40.95
C ILE A 163 8.29 -5.39 -40.86
N ASP A 164 8.97 -6.00 -39.92
CA ASP A 164 10.42 -5.86 -39.77
C ASP A 164 11.21 -5.82 -41.12
N PRO A 165 10.89 -6.64 -42.13
CA PRO A 165 11.58 -6.57 -43.44
C PRO A 165 11.09 -5.53 -44.45
N ILE A 166 10.00 -4.83 -44.14
CA ILE A 166 9.44 -3.81 -45.06
C ILE A 166 10.05 -2.43 -44.75
N SER A 167 10.47 -2.22 -43.51
CA SER A 167 10.90 -0.89 -43.11
C SER A 167 12.03 -1.02 -42.18
N ALA A 168 13.09 -0.30 -42.47
CA ALA A 168 14.22 -0.27 -41.51
C ALA A 168 13.92 0.40 -40.19
N PHE A 169 12.82 1.16 -40.12
CA PHE A 169 12.41 1.75 -38.84
C PHE A 169 11.36 0.94 -38.06
N ALA A 170 11.01 -0.24 -38.54
CA ALA A 170 10.20 -1.15 -37.76
C ALA A 170 11.01 -1.68 -36.58
N GLY A 171 10.31 -2.07 -35.50
CA GLY A 171 10.92 -2.70 -34.33
C GLY A 171 11.59 -4.01 -34.71
N GLN A 172 12.50 -4.49 -33.86
CA GLN A 172 13.08 -5.79 -34.10
C GLN A 172 11.97 -6.88 -34.05
N LEU A 173 11.85 -7.67 -35.11
CA LEU A 173 10.81 -8.73 -35.21
C LEU A 173 9.37 -8.16 -35.07
N GLU A 174 9.16 -6.93 -35.54
CA GLU A 174 7.87 -6.28 -35.30
C GLU A 174 6.75 -7.04 -35.93
N MET A 175 5.69 -7.28 -35.16
CA MET A 175 4.46 -7.88 -35.71
C MET A 175 3.37 -6.83 -35.43
N LEU A 176 2.80 -6.25 -36.49
CA LEU A 176 1.81 -5.18 -36.37
C LEU A 176 0.44 -5.75 -36.36
N LEU A 177 -0.38 -5.29 -35.41
CA LEU A 177 -1.79 -5.69 -35.31
C LEU A 177 -2.67 -4.49 -35.72
N PRO A 178 -3.81 -4.80 -36.34
CA PRO A 178 -4.71 -3.77 -36.86
C PRO A 178 -5.21 -2.84 -35.78
N ARG A 179 -5.58 -1.62 -36.17
CA ARG A 179 -6.15 -0.66 -35.18
C ARG A 179 -7.62 -1.03 -34.83
N HIS A 180 -8.16 -0.42 -33.76
CA HIS A 180 -9.54 -0.66 -33.35
C HIS A 180 -9.72 -2.12 -32.97
N SER A 181 -8.67 -2.71 -32.39
CA SER A 181 -8.75 -4.10 -31.92
C SER A 181 -9.19 -4.17 -30.47
N THR A 182 -9.90 -5.23 -30.12
CA THR A 182 -10.23 -5.48 -28.71
C THR A 182 -9.51 -6.72 -28.22
N TYR A 183 -9.08 -6.68 -26.96
CA TYR A 183 -8.46 -7.84 -26.38
C TYR A 183 -9.00 -7.95 -24.94
N HIS A 184 -8.92 -9.16 -24.38
CA HIS A 184 -9.41 -9.41 -23.01
C HIS A 184 -8.26 -9.65 -22.03
N ILE A 185 -8.19 -8.91 -20.95
CA ILE A 185 -7.06 -9.14 -20.07
C ILE A 185 -7.37 -10.35 -19.17
N ASP A 186 -6.59 -11.42 -19.31
CA ASP A 186 -6.82 -12.70 -18.59
C ASP A 186 -6.10 -12.77 -17.25
N ASP A 187 -4.96 -12.10 -17.14
CA ASP A 187 -4.06 -12.28 -16.01
C ASP A 187 -3.17 -11.05 -15.87
N MET A 188 -2.95 -10.60 -14.63
CA MET A 188 -1.92 -9.62 -14.33
C MET A 188 -1.15 -10.02 -13.08
N ARG A 189 0.17 -10.18 -13.19
CA ARG A 189 1.03 -10.54 -12.06
C ARG A 189 2.39 -9.84 -12.13
N LEU A 190 3.08 -9.71 -10.98
CA LEU A 190 4.40 -9.09 -10.99
C LEU A 190 5.46 -10.04 -11.47
N SER A 191 6.57 -9.49 -11.99
CA SER A 191 7.77 -10.28 -12.28
C SER A 191 8.39 -10.85 -11.00
N SER A 192 9.38 -11.71 -11.18
CA SER A 192 10.11 -12.38 -10.09
C SER A 192 10.92 -11.39 -9.26
N ASP A 193 11.61 -10.47 -9.95
CA ASP A 193 12.42 -9.44 -9.33
C ASP A 193 11.63 -8.14 -9.23
N GLY A 194 10.29 -8.27 -9.14
CA GLY A 194 9.34 -7.18 -8.97
C GLY A 194 9.44 -5.88 -9.77
N LYS A 195 10.26 -5.88 -10.82
CA LYS A 195 10.45 -4.67 -11.64
C LYS A 195 9.36 -4.46 -12.72
N GLN A 196 8.56 -5.51 -12.97
CA GLN A 196 7.61 -5.50 -14.10
C GLN A 196 6.23 -6.06 -13.77
N ILE A 197 5.17 -5.41 -14.28
CA ILE A 197 3.83 -5.99 -14.31
C ILE A 197 3.72 -6.80 -15.61
N ILE A 198 3.37 -8.08 -15.50
CA ILE A 198 3.17 -8.96 -16.65
C ILE A 198 1.68 -9.10 -16.99
N ILE A 199 1.32 -8.68 -18.21
CA ILE A 199 -0.09 -8.74 -18.55
C ILE A 199 -0.26 -9.81 -19.60
N THR A 200 -1.15 -10.78 -19.37
CA THR A 200 -1.49 -11.77 -20.43
C THR A 200 -2.89 -11.51 -20.94
N ALA A 201 -3.08 -11.41 -22.27
CA ALA A 201 -4.38 -10.98 -22.80
C ALA A 201 -4.69 -11.83 -24.03
N THR A 202 -5.97 -12.09 -24.28
CA THR A 202 -6.36 -12.80 -25.51
C THR A 202 -6.83 -11.78 -26.51
N MET A 203 -6.20 -11.74 -27.70
CA MET A 203 -6.58 -10.80 -28.76
C MET A 203 -7.86 -11.25 -29.38
N MET A 204 -8.83 -10.35 -29.48
CA MET A 204 -10.14 -10.75 -29.98
C MET A 204 -10.31 -10.33 -31.39
N GLY A 205 -9.57 -9.31 -31.79
CA GLY A 205 -9.56 -8.90 -33.21
C GLY A 205 -10.05 -7.49 -33.47
N THR A 206 -10.16 -7.13 -34.74
CA THR A 206 -10.36 -5.71 -35.09
C THR A 206 -11.76 -5.46 -35.63
N ALA A 207 -12.24 -4.23 -35.46
CA ALA A 207 -13.49 -3.80 -36.07
C ALA A 207 -13.29 -3.28 -37.50
N ILE A 208 -12.03 -3.20 -37.93
CA ILE A 208 -11.74 -2.60 -39.23
C ILE A 208 -11.50 -3.70 -40.25
N ASN A 209 -12.54 -3.96 -41.05
CA ASN A 209 -12.47 -5.07 -41.99
C ASN A 209 -12.90 -4.66 -43.44
N PRO A 210 -12.10 -3.82 -44.11
CA PRO A 210 -12.44 -3.39 -45.48
C PRO A 210 -12.39 -4.56 -46.48
N LYS A 211 -13.32 -4.60 -47.44
CA LYS A 211 -13.26 -5.59 -48.52
N ALA B 1 -2.32 26.50 17.12
CA ALA B 1 -1.82 27.87 17.45
C ALA B 1 -2.21 28.31 18.89
N TYR B 2 -3.20 27.65 19.47
CA TYR B 2 -3.62 27.97 20.86
C TYR B 2 -3.47 26.72 21.70
N SER B 3 -2.48 25.91 21.32
CA SER B 3 -2.28 24.66 22.04
C SER B 3 -1.62 24.92 23.41
N ASN B 4 -1.81 23.98 24.31
CA ASN B 4 -1.27 24.07 25.66
C ASN B 4 0.13 23.47 25.67
N THR B 5 0.89 23.79 26.69
CA THR B 5 2.27 23.30 26.82
C THR B 5 2.30 22.15 27.79
N TYR B 6 2.80 20.99 27.31
CA TYR B 6 3.01 19.82 28.17
C TYR B 6 4.50 19.58 28.40
N GLN B 7 4.92 19.45 29.67
CA GLN B 7 6.33 19.26 29.98
C GLN B 7 6.74 17.86 29.58
N GLU B 8 7.96 17.71 29.05
CA GLU B 8 8.52 16.42 28.80
C GLU B 8 9.80 16.34 29.65
N PHE B 9 9.92 15.29 30.47
CA PHE B 9 11.12 15.13 31.28
C PHE B 9 12.26 14.73 30.37
N THR B 10 13.43 15.36 30.54
CA THR B 10 14.58 14.96 29.72
C THR B 10 15.75 14.47 30.57
N ASN B 11 15.60 14.60 31.88
CA ASN B 11 16.68 14.38 32.84
C ASN B 11 16.22 13.29 33.84
N ILE B 12 16.53 12.02 33.53
CA ILE B 12 16.22 10.88 34.41
C ILE B 12 16.35 11.22 35.90
N ASP B 13 17.49 11.73 36.34
CA ASP B 13 17.63 11.99 37.77
C ASP B 13 16.56 12.93 38.32
N GLN B 14 16.19 13.94 37.54
CA GLN B 14 15.23 14.95 37.99
C GLN B 14 13.77 14.47 37.82
N ALA B 15 13.52 13.71 36.75
CA ALA B 15 12.31 12.90 36.61
C ALA B 15 12.00 12.01 37.86
N LYS B 16 12.99 11.22 38.31
CA LYS B 16 12.87 10.51 39.60
C LYS B 16 12.66 11.40 40.78
N ALA B 17 13.47 12.48 40.89
CA ALA B 17 13.34 13.40 42.03
C ALA B 17 11.91 13.97 42.09
N TRP B 18 11.43 14.37 40.92
CA TRP B 18 10.12 15.03 40.81
C TRP B 18 9.02 14.01 41.11
N GLY B 19 9.18 12.81 40.54
CA GLY B 19 8.29 11.69 40.85
C GLY B 19 8.32 11.35 42.32
N ASN B 20 9.52 11.20 42.91
CA ASN B 20 9.58 10.97 44.37
C ASN B 20 8.94 12.08 45.16
N ALA B 21 9.12 13.33 44.70
CA ALA B 21 8.58 14.46 45.44
C ALA B 21 7.05 14.39 45.47
N GLN B 22 6.43 14.01 44.33
CA GLN B 22 4.97 13.77 44.31
C GLN B 22 4.56 12.62 45.21
N TYR B 23 5.26 11.49 45.11
CA TYR B 23 4.96 10.26 45.89
C TYR B 23 4.96 10.53 47.41
N LYS B 24 5.93 11.36 47.83
CA LYS B 24 6.15 11.67 49.23
C LYS B 24 4.92 12.33 49.77
N LYS B 25 4.19 13.00 48.90
CA LYS B 25 2.98 13.70 49.31
C LYS B 25 1.69 12.91 49.22
N TYR B 26 1.72 11.70 48.62
CA TYR B 26 0.46 10.91 48.49
C TYR B 26 -0.18 10.50 49.80
N GLY B 27 0.63 10.05 50.76
CA GLY B 27 0.08 9.52 51.99
C GLY B 27 -0.78 8.29 51.82
N LEU B 28 -0.31 7.41 50.92
CA LEU B 28 -1.01 6.16 50.69
C LEU B 28 -1.01 5.27 51.93
N SER B 29 -2.11 4.58 52.14
CA SER B 29 -2.22 3.54 53.15
C SER B 29 -1.43 2.30 52.75
N LYS B 30 -1.20 1.39 53.72
CA LYS B 30 -0.51 0.14 53.46
C LYS B 30 -1.31 -0.69 52.45
N SER B 31 -2.65 -0.69 52.61
CA SER B 31 -3.56 -1.44 51.74
C SER B 31 -3.50 -0.94 50.29
N GLU B 32 -3.36 0.36 50.14
CA GLU B 32 -3.29 0.94 48.79
C GLU B 32 -1.95 0.60 48.15
N LYS B 33 -0.85 0.75 48.91
CA LYS B 33 0.49 0.35 48.42
C LYS B 33 0.47 -1.12 48.01
N GLU B 34 -0.13 -1.97 48.84
CA GLU B 34 -0.18 -3.41 48.54
C GLU B 34 -0.97 -3.69 47.25
N ALA B 35 -2.05 -2.96 47.06
CA ALA B 35 -2.83 -3.15 45.85
C ALA B 35 -2.02 -2.74 44.61
N ILE B 36 -1.22 -1.67 44.73
CA ILE B 36 -0.36 -1.20 43.61
C ILE B 36 0.67 -2.25 43.32
N VAL B 37 1.24 -2.81 44.40
CA VAL B 37 2.24 -3.86 44.20
C VAL B 37 1.58 -5.02 43.47
N SER B 38 0.38 -5.46 43.89
CA SER B 38 -0.31 -6.57 43.19
C SER B 38 -0.60 -6.27 41.72
N TYR B 39 -1.04 -5.06 41.44
CA TYR B 39 -1.16 -4.58 40.08
C TYR B 39 0.12 -4.78 39.23
N THR B 40 1.26 -4.33 39.75
CA THR B 40 2.50 -4.40 38.98
C THR B 40 2.89 -5.87 38.74
N LYS B 41 2.52 -6.76 39.67
CA LYS B 41 2.83 -8.19 39.51
C LYS B 41 1.96 -8.95 38.50
N SER B 42 0.76 -8.45 38.23
CA SER B 42 -0.24 -9.18 37.42
C SER B 42 -0.96 -8.20 36.46
N ALA B 43 -0.25 -7.16 36.00
CA ALA B 43 -0.93 -6.09 35.27
C ALA B 43 -1.59 -6.59 33.99
N SER B 44 -0.85 -7.37 33.23
CA SER B 44 -1.40 -7.88 31.99
C SER B 44 -2.69 -8.73 32.20
N GLU B 45 -2.70 -9.51 33.26
CA GLU B 45 -3.90 -10.26 33.62
C GLU B 45 -5.08 -9.33 34.08
N ILE B 46 -4.82 -8.39 34.99
CA ILE B 46 -5.86 -7.54 35.48
C ILE B 46 -6.41 -6.70 34.34
N ASN B 47 -5.52 -6.13 33.51
CA ASN B 47 -6.01 -5.30 32.41
C ASN B 47 -6.78 -6.17 31.38
N GLY B 48 -6.31 -7.39 31.18
CA GLY B 48 -7.01 -8.31 30.27
C GLY B 48 -8.42 -8.60 30.71
N LYS B 49 -8.59 -8.84 32.01
CA LYS B 49 -9.90 -9.06 32.57
C LYS B 49 -10.76 -7.85 32.52
N LEU B 50 -10.19 -6.66 32.77
CA LEU B 50 -10.99 -5.44 32.72
C LEU B 50 -11.51 -5.25 31.26
N ARG B 51 -10.63 -5.53 30.30
CA ARG B 51 -11.00 -5.36 28.86
C ARG B 51 -12.06 -6.34 28.45
N GLN B 52 -11.82 -7.59 28.79
CA GLN B 52 -12.78 -8.66 28.40
C GLN B 52 -14.14 -8.39 29.00
N ASN B 53 -14.16 -7.84 30.21
CA ASN B 53 -15.42 -7.61 30.90
C ASN B 53 -15.91 -6.18 30.84
N LYS B 54 -15.29 -5.34 29.99
CA LYS B 54 -15.76 -3.98 29.76
C LYS B 54 -15.85 -3.13 31.05
N GLY B 55 -14.88 -3.29 31.94
CA GLY B 55 -14.80 -2.45 33.11
C GLY B 55 -15.73 -2.90 34.22
N VAL B 56 -16.52 -3.94 33.98
CA VAL B 56 -17.41 -4.46 35.06
C VAL B 56 -16.64 -5.47 35.89
N ILE B 57 -16.54 -5.25 37.21
CA ILE B 57 -15.66 -6.03 38.04
C ILE B 57 -16.45 -7.00 38.96
N ASN B 58 -17.80 -6.92 38.96
CA ASN B 58 -18.58 -7.68 39.94
C ASN B 58 -18.32 -9.19 39.91
N GLY B 59 -17.97 -9.71 38.72
CA GLY B 59 -17.69 -11.13 38.59
C GLY B 59 -16.26 -11.55 38.91
N PHE B 60 -15.38 -10.58 39.13
CA PHE B 60 -13.98 -10.90 39.44
C PHE B 60 -13.97 -11.62 40.82
N PRO B 61 -12.94 -12.43 41.09
CA PRO B 61 -12.72 -12.99 42.44
C PRO B 61 -12.70 -11.91 43.49
N SER B 62 -13.28 -12.23 44.65
CA SER B 62 -13.40 -11.25 45.72
C SER B 62 -12.14 -10.48 46.05
N ASN B 63 -11.01 -11.16 46.02
CA ASN B 63 -9.74 -10.52 46.43
C ASN B 63 -9.33 -9.51 45.36
N LEU B 64 -9.63 -9.85 44.12
CA LEU B 64 -9.31 -8.94 43.02
C LEU B 64 -10.21 -7.70 43.08
N ILE B 65 -11.50 -7.89 43.37
CA ILE B 65 -12.42 -6.77 43.54
C ILE B 65 -11.86 -5.83 44.58
N LYS B 66 -11.39 -6.43 45.67
CA LYS B 66 -10.86 -5.60 46.78
C LYS B 66 -9.66 -4.78 46.27
N GLN B 67 -8.78 -5.43 45.52
CA GLN B 67 -7.55 -4.75 45.07
C GLN B 67 -7.89 -3.66 44.05
N VAL B 68 -8.74 -3.95 43.07
CA VAL B 68 -9.20 -2.94 42.10
C VAL B 68 -9.86 -1.74 42.72
N GLU B 69 -10.72 -1.98 43.71
CA GLU B 69 -11.36 -0.81 44.37
C GLU B 69 -10.38 0.00 45.19
N LEU B 70 -9.38 -0.67 45.77
CA LEU B 70 -8.33 0.07 46.54
C LEU B 70 -7.52 0.92 45.56
N LEU B 71 -7.20 0.30 44.42
CA LEU B 71 -6.44 0.99 43.40
C LEU B 71 -7.21 2.18 42.89
N ASP B 72 -8.51 1.99 42.58
CA ASP B 72 -9.30 3.04 42.02
C ASP B 72 -9.31 4.24 42.98
N LYS B 73 -9.52 3.95 44.25
CA LYS B 73 -9.63 5.01 45.25
C LYS B 73 -8.28 5.65 45.56
N SER B 74 -7.18 4.89 45.41
CA SER B 74 -5.85 5.45 45.64
C SER B 74 -5.58 6.69 44.74
N PHE B 75 -6.26 6.76 43.55
CA PHE B 75 -6.07 7.93 42.71
C PHE B 75 -6.63 9.22 43.34
N ASN B 76 -7.48 9.08 44.35
CA ASN B 76 -7.88 10.31 45.06
C ASN B 76 -6.68 11.07 45.66
N LYS B 77 -5.62 10.35 45.97
CA LYS B 77 -4.39 10.89 46.58
C LYS B 77 -3.30 11.23 45.59
N MET B 78 -3.48 10.80 44.32
CA MET B 78 -2.37 10.82 43.37
C MET B 78 -2.71 11.63 42.11
N LYS B 79 -2.28 12.89 42.08
CA LYS B 79 -2.49 13.79 40.98
C LYS B 79 -1.17 14.37 40.51
N THR B 80 -1.11 14.73 39.24
CA THR B 80 0.04 15.42 38.74
C THR B 80 -0.21 16.93 38.91
N PRO B 81 0.77 17.66 39.44
CA PRO B 81 0.63 19.12 39.58
C PRO B 81 1.14 19.86 38.36
N GLU B 82 1.54 19.14 37.32
CA GLU B 82 1.97 19.72 36.08
C GLU B 82 1.26 19.10 34.87
N ASN B 83 1.16 19.89 33.80
CA ASN B 83 0.87 19.34 32.47
C ASN B 83 2.09 18.53 32.06
N ILE B 84 1.93 17.23 31.82
CA ILE B 84 3.06 16.35 31.54
C ILE B 84 2.76 15.46 30.33
N MET B 85 3.82 15.06 29.61
CA MET B 85 3.69 14.06 28.57
C MET B 85 4.09 12.72 29.19
N LEU B 86 3.29 11.71 28.95
CA LEU B 86 3.57 10.36 29.43
C LEU B 86 3.68 9.50 28.17
N PHE B 87 4.51 8.48 28.28
CA PHE B 87 4.85 7.59 27.15
C PHE B 87 4.47 6.14 27.35
N ARG B 88 4.02 5.48 26.32
CA ARG B 88 4.06 4.03 26.37
C ARG B 88 4.36 3.42 24.99
N GLY B 89 4.83 2.19 24.98
CA GLY B 89 5.07 1.49 23.72
C GLY B 89 4.10 0.35 23.68
N ASP B 90 3.55 0.07 22.50
CA ASP B 90 2.63 -1.03 22.36
C ASP B 90 2.99 -1.86 21.14
N ASP B 91 2.43 -3.07 21.12
CA ASP B 91 2.56 -3.98 19.99
C ASP B 91 1.32 -3.85 19.13
N PRO B 92 1.37 -4.38 17.90
CA PRO B 92 0.33 -4.18 16.89
C PRO B 92 -1.08 -4.50 17.33
N ALA B 93 -1.29 -5.47 18.20
CA ALA B 93 -2.67 -5.77 18.57
C ALA B 93 -3.35 -4.59 19.31
N TYR B 94 -2.54 -3.64 19.81
CA TYR B 94 -3.12 -2.44 20.44
C TYR B 94 -4.08 -1.74 19.47
N LEU B 95 -3.81 -1.84 18.15
CA LEU B 95 -4.69 -1.22 17.15
C LEU B 95 -5.90 -2.08 16.77
N GLY B 96 -5.90 -3.33 17.23
CA GLY B 96 -6.98 -4.27 16.96
C GLY B 96 -6.40 -5.61 16.50
N THR B 97 -7.14 -6.69 16.70
CA THR B 97 -6.62 -8.00 16.30
C THR B 97 -6.27 -8.05 14.80
N GLU B 98 -7.08 -7.41 13.96
CA GLU B 98 -6.77 -7.30 12.52
C GLU B 98 -5.36 -6.77 12.17
N PHE B 99 -4.75 -6.03 13.09
CA PHE B 99 -3.43 -5.46 12.87
C PHE B 99 -2.31 -6.34 13.43
N GLN B 100 -2.66 -7.40 14.15
CA GLN B 100 -1.65 -8.15 14.90
C GLN B 100 -0.45 -8.57 14.07
N ASN B 101 -0.70 -9.27 12.96
CA ASN B 101 0.35 -9.65 12.00
C ASN B 101 0.04 -9.17 10.58
N THR B 102 0.46 -7.94 10.28
CA THR B 102 -0.14 -7.14 9.19
C THR B 102 0.50 -5.76 9.22
N LEU B 103 0.77 -5.29 10.44
CA LEU B 103 1.22 -3.94 10.64
C LEU B 103 2.63 -3.70 10.13
N LEU B 104 3.50 -4.69 10.33
CA LEU B 104 4.93 -4.53 10.03
C LEU B 104 5.33 -5.19 8.70
N ASN B 105 6.38 -4.64 8.09
CA ASN B 105 7.01 -5.25 6.92
C ASN B 105 8.27 -6.01 7.32
N SER B 106 8.76 -6.85 6.40
CA SER B 106 9.87 -7.76 6.66
C SER B 106 11.10 -7.05 7.19
N ASN B 107 11.43 -5.89 6.62
CA ASN B 107 12.58 -5.08 7.04
C ASN B 107 12.44 -4.50 8.45
N GLY B 108 11.22 -4.58 8.99
CA GLY B 108 10.94 -4.05 10.32
C GLY B 108 10.41 -2.63 10.32
N THR B 109 10.18 -2.08 9.13
CA THR B 109 9.52 -0.78 9.01
C THR B 109 8.03 -0.99 9.18
N ILE B 110 7.32 0.10 9.48
CA ILE B 110 5.86 0.04 9.56
C ILE B 110 5.27 -0.02 8.17
N ASN B 111 4.33 -0.96 7.97
CA ASN B 111 3.64 -1.09 6.70
C ASN B 111 2.78 0.13 6.41
N LYS B 112 3.26 1.02 5.53
CA LYS B 112 2.53 2.26 5.18
C LYS B 112 1.05 2.04 4.91
N THR B 113 0.68 0.90 4.30
CA THR B 113 -0.72 0.65 3.98
C THR B 113 -1.46 0.27 5.26
N ALA B 114 -0.76 -0.37 6.18
CA ALA B 114 -1.39 -0.70 7.45
C ALA B 114 -1.58 0.61 8.19
N PHE B 115 -0.57 1.47 8.13
CA PHE B 115 -0.57 2.73 8.87
C PHE B 115 -1.73 3.62 8.48
N GLU B 116 -1.99 3.71 7.16
CA GLU B 116 -3.11 4.51 6.67
C GLU B 116 -4.46 3.94 7.12
N LYS B 117 -4.50 2.63 7.30
CA LYS B 117 -5.69 1.95 7.82
C LYS B 117 -5.89 2.30 9.32
N ALA B 118 -4.78 2.29 10.05
CA ALA B 118 -4.74 2.60 11.48
C ALA B 118 -5.34 4.00 11.75
N LYS B 119 -4.87 5.00 11.00
CA LYS B 119 -5.34 6.40 11.13
C LYS B 119 -6.85 6.53 10.98
N ALA B 120 -7.38 5.81 10.00
CA ALA B 120 -8.76 5.99 9.59
C ALA B 120 -9.63 5.53 10.72
N LYS B 121 -9.21 4.43 11.34
CA LYS B 121 -9.91 3.89 12.47
C LYS B 121 -9.81 4.83 13.70
N PHE B 122 -8.66 5.46 13.93
CA PHE B 122 -8.38 6.04 15.28
C PHE B 122 -8.18 7.53 15.33
N LEU B 123 -7.69 8.13 14.24
CA LEU B 123 -7.37 9.55 14.28
C LEU B 123 -8.62 10.40 14.48
N ASN B 124 -8.51 11.41 15.36
CA ASN B 124 -9.57 12.35 15.65
C ASN B 124 -10.79 11.69 16.24
N LYS B 125 -10.57 10.65 17.05
CA LYS B 125 -11.66 9.94 17.70
C LYS B 125 -11.29 9.75 19.19
N ASP B 126 -12.30 9.66 20.05
CA ASP B 126 -12.10 9.30 21.46
C ASP B 126 -11.85 7.79 21.50
N ARG B 127 -10.99 7.36 22.41
CA ARG B 127 -10.84 5.93 22.71
C ARG B 127 -11.04 5.72 24.22
N LEU B 128 -11.85 4.71 24.59
CA LEU B 128 -12.04 4.34 25.99
C LEU B 128 -11.13 3.15 26.27
N GLU B 129 -10.36 3.20 27.35
CA GLU B 129 -9.48 2.10 27.74
C GLU B 129 -10.05 1.46 28.98
N TYR B 130 -10.44 0.16 28.93
CA TYR B 130 -10.98 -0.47 30.16
C TYR B 130 -9.94 -0.77 31.25
N GLY B 131 -8.70 -1.04 30.85
CA GLY B 131 -7.66 -1.38 31.81
C GLY B 131 -7.10 -0.11 32.45
N TYR B 132 -6.21 -0.29 33.41
CA TYR B 132 -5.38 0.85 33.84
C TYR B 132 -4.35 1.12 32.73
N ILE B 133 -3.81 2.34 32.68
CA ILE B 133 -2.79 2.67 31.68
C ILE B 133 -1.45 2.84 32.33
N SER B 134 -0.57 1.85 32.13
CA SER B 134 0.84 1.97 32.57
C SER B 134 1.63 2.79 31.56
N THR B 135 2.26 3.87 32.06
CA THR B 135 3.07 4.74 31.19
C THR B 135 4.36 5.04 31.89
N SER B 136 5.24 5.71 31.17
CA SER B 136 6.48 6.13 31.77
C SER B 136 6.67 7.64 31.63
N LEU B 137 7.33 8.25 32.61
CA LEU B 137 7.70 9.70 32.59
C LEU B 137 8.62 10.09 31.47
N MET B 138 9.26 9.09 30.86
CA MET B 138 10.20 9.36 29.80
C MET B 138 10.03 8.18 28.88
N ASN B 139 10.54 8.34 27.66
CA ASN B 139 10.61 7.26 26.69
C ASN B 139 11.71 6.25 27.07
N VAL B 140 11.39 5.32 27.98
CA VAL B 140 12.35 4.36 28.50
C VAL B 140 12.56 3.15 27.54
N SER B 141 13.68 2.45 27.73
CA SER B 141 14.13 1.37 26.83
C SER B 141 13.15 0.20 26.76
N GLN B 142 12.40 -0.01 27.84
CA GLN B 142 11.24 -0.90 27.80
C GLN B 142 10.48 -0.83 26.47
N PHE B 143 10.44 0.36 25.86
CA PHE B 143 9.84 0.51 24.52
C PHE B 143 10.93 0.59 23.43
N ALA B 144 10.82 1.58 22.54
CA ALA B 144 11.65 1.68 21.32
C ALA B 144 11.49 0.44 20.43
N GLY B 145 11.89 -0.72 20.96
CA GLY B 145 11.62 -2.01 20.33
C GLY B 145 10.18 -2.12 19.86
N ARG B 146 9.29 -1.48 20.62
CA ARG B 146 7.86 -1.46 20.27
C ARG B 146 7.57 -0.55 19.08
N PRO B 147 6.73 -1.05 18.18
CA PRO B 147 6.39 -0.35 16.94
C PRO B 147 5.36 0.76 17.10
N ILE B 148 4.84 1.00 18.31
CA ILE B 148 3.85 2.05 18.51
C ILE B 148 4.24 2.78 19.78
N ILE B 149 4.46 4.10 19.67
CA ILE B 149 4.73 4.92 20.85
C ILE B 149 3.53 5.88 20.96
N THR B 150 2.97 5.95 22.18
CA THR B 150 1.88 6.88 22.46
C THR B 150 2.45 7.90 23.41
N LYS B 151 2.19 9.16 23.11
CA LYS B 151 2.58 10.28 23.96
C LYS B 151 1.24 10.83 24.43
N PHE B 152 0.97 10.69 25.72
CA PHE B 152 -0.29 11.21 26.25
C PHE B 152 -0.04 12.56 26.87
N LYS B 153 -0.92 13.50 26.57
CA LYS B 153 -0.91 14.82 27.18
C LYS B 153 -1.85 14.82 28.37
N VAL B 154 -1.29 14.91 29.56
CA VAL B 154 -2.10 14.74 30.78
C VAL B 154 -2.03 16.08 31.50
N ALA B 155 -3.19 16.70 31.72
CA ALA B 155 -3.27 18.07 32.29
C ALA B 155 -3.02 18.11 33.79
N LYS B 156 -2.52 19.25 34.26
CA LYS B 156 -2.46 19.54 35.71
C LYS B 156 -3.73 19.11 36.40
N GLY B 157 -3.58 18.54 37.60
CA GLY B 157 -4.69 18.06 38.42
C GLY B 157 -5.28 16.70 38.07
N SER B 158 -4.82 16.09 36.96
CA SER B 158 -5.35 14.79 36.60
C SER B 158 -4.86 13.66 37.52
N LYS B 159 -5.69 12.62 37.67
CA LYS B 159 -5.23 11.42 38.37
C LYS B 159 -4.11 10.73 37.61
N ALA B 160 -3.01 10.47 38.32
CA ALA B 160 -1.80 9.92 37.73
C ALA B 160 -0.86 9.67 38.89
N GLY B 161 -0.36 8.43 38.99
CA GLY B 161 0.40 8.00 40.15
C GLY B 161 1.79 7.50 39.75
N TYR B 162 2.81 8.11 40.37
CA TYR B 162 4.20 7.71 40.20
C TYR B 162 4.50 6.54 41.16
N ILE B 163 4.51 5.33 40.62
CA ILE B 163 4.45 4.13 41.46
C ILE B 163 5.78 3.34 41.47
N ASP B 164 6.68 3.74 40.59
CA ASP B 164 8.06 3.25 40.56
C ASP B 164 8.66 3.02 42.00
N PRO B 165 8.50 3.92 42.97
CA PRO B 165 9.03 3.68 44.35
C PRO B 165 8.19 2.81 45.29
N ILE B 166 6.97 2.47 44.85
CA ILE B 166 6.07 1.61 45.65
C ILE B 166 6.33 0.12 45.38
N SER B 167 6.79 -0.20 44.17
CA SER B 167 6.91 -1.61 43.80
C SER B 167 8.15 -1.78 42.98
N ALA B 168 8.96 -2.77 43.34
CA ALA B 168 10.11 -3.12 42.49
C ALA B 168 9.75 -3.67 41.14
N PHE B 169 8.51 -4.11 40.97
CA PHE B 169 8.07 -4.60 39.66
C PHE B 169 7.34 -3.56 38.79
N ALA B 170 7.19 -2.33 39.27
CA ALA B 170 6.78 -1.25 38.38
C ALA B 170 7.87 -0.95 37.35
N GLY B 171 7.41 -0.41 36.22
CA GLY B 171 8.24 0.01 35.09
C GLY B 171 9.13 1.14 35.56
N GLN B 172 10.21 1.38 34.81
CA GLN B 172 11.08 2.49 35.12
C GLN B 172 10.31 3.82 34.98
N LEU B 173 10.26 4.61 36.06
CA LEU B 173 9.54 5.91 36.17
C LEU B 173 8.06 5.71 35.80
N GLU B 174 7.50 4.54 36.16
CA GLU B 174 6.11 4.27 35.81
C GLU B 174 5.17 5.32 36.38
N MET B 175 4.28 5.85 35.53
CA MET B 175 3.21 6.75 35.98
C MET B 175 1.93 6.00 35.59
N LEU B 176 1.13 5.61 36.60
CA LEU B 176 -0.07 4.80 36.34
C LEU B 176 -1.26 5.71 36.23
N LEU B 177 -2.09 5.47 35.23
CA LEU B 177 -3.33 6.23 35.01
C LEU B 177 -4.52 5.33 35.36
N PRO B 178 -5.60 5.93 35.85
CA PRO B 178 -6.76 5.17 36.29
C PRO B 178 -7.41 4.42 35.15
N ARG B 179 -8.11 3.34 35.48
CA ARG B 179 -8.83 2.56 34.46
C ARG B 179 -10.12 3.30 33.98
N HIS B 180 -10.70 2.81 32.88
CA HIS B 180 -11.93 3.38 32.33
C HIS B 180 -11.69 4.82 31.91
N SER B 181 -10.46 5.11 31.44
CA SER B 181 -10.15 6.46 30.98
C SER B 181 -10.39 6.61 29.48
N THR B 182 -10.82 7.81 29.08
CA THR B 182 -10.97 8.11 27.65
C THR B 182 -9.90 9.13 27.25
N TYR B 183 -9.37 8.97 26.05
CA TYR B 183 -8.43 9.97 25.57
C TYR B 183 -8.80 10.22 24.10
N HIS B 184 -8.35 11.35 23.57
CA HIS B 184 -8.61 11.69 22.15
C HIS B 184 -7.35 11.64 21.29
N ILE B 185 -7.37 10.93 20.18
CA ILE B 185 -6.14 10.78 19.42
C ILE B 185 -6.07 11.99 18.48
N ASP B 186 -5.04 12.83 18.65
CA ASP B 186 -4.90 14.11 17.96
C ASP B 186 -4.08 13.99 16.67
N ASP B 187 -3.13 13.07 16.66
CA ASP B 187 -2.08 13.01 15.64
C ASP B 187 -1.54 11.60 15.59
N MET B 188 -1.41 11.06 14.37
CA MET B 188 -0.69 9.82 14.15
C MET B 188 0.32 10.01 13.01
N ARG B 189 1.60 9.75 13.27
CA ARG B 189 2.65 9.88 12.23
C ARG B 189 3.74 8.83 12.37
N LEU B 190 4.42 8.53 11.26
CA LEU B 190 5.54 7.60 11.30
C LEU B 190 6.76 8.29 11.85
N SER B 191 7.65 7.53 12.47
CA SER B 191 8.94 8.08 12.85
C SER B 191 9.77 8.28 11.58
N SER B 192 10.91 8.98 11.74
CA SER B 192 11.77 9.36 10.62
C SER B 192 12.44 8.13 9.96
N ASP B 193 12.82 7.17 10.81
CA ASP B 193 13.32 5.89 10.37
C ASP B 193 12.21 4.96 9.84
N GLY B 194 10.94 5.36 10.00
CA GLY B 194 9.80 4.53 9.59
C GLY B 194 9.52 3.24 10.36
N LYS B 195 10.24 3.03 11.46
CA LYS B 195 10.10 1.81 12.29
C LYS B 195 8.97 1.92 13.37
N GLN B 196 8.50 3.14 13.62
CA GLN B 196 7.50 3.37 14.67
C GLN B 196 6.36 4.29 14.22
N ILE B 197 5.13 3.98 14.64
CA ILE B 197 3.99 4.88 14.57
C ILE B 197 3.95 5.71 15.85
N ILE B 198 3.98 7.04 15.74
CA ILE B 198 3.91 7.92 16.91
C ILE B 198 2.48 8.43 17.07
N ILE B 199 1.89 8.17 18.23
CA ILE B 199 0.50 8.57 18.42
C ILE B 199 0.54 9.67 19.47
N THR B 200 -0.07 10.82 19.19
CA THR B 200 -0.23 11.87 20.24
C THR B 200 -1.70 11.97 20.64
N ALA B 201 -2.02 11.86 21.95
CA ALA B 201 -3.41 11.85 22.40
C ALA B 201 -3.57 12.80 23.57
N THR B 202 -4.75 13.38 23.70
CA THR B 202 -5.06 14.18 24.89
C THR B 202 -5.87 13.32 25.85
N MET B 203 -5.35 13.13 27.07
CA MET B 203 -6.05 12.36 28.11
C MET B 203 -7.21 13.17 28.63
N MET B 204 -8.41 12.57 28.64
CA MET B 204 -9.63 13.28 29.07
C MET B 204 -10.06 12.88 30.44
N GLY B 205 -9.58 11.76 30.92
CA GLY B 205 -9.81 11.41 32.32
C GLY B 205 -10.65 10.15 32.50
N THR B 206 -10.97 9.83 33.74
CA THR B 206 -11.59 8.55 34.04
C THR B 206 -13.05 8.69 34.49
N ALA B 207 -13.81 7.61 34.28
CA ALA B 207 -15.20 7.47 34.72
C ALA B 207 -15.27 6.92 36.15
N ILE B 208 -14.13 6.52 36.68
CA ILE B 208 -14.07 5.88 37.99
C ILE B 208 -13.68 6.93 39.01
N ASN B 209 -14.68 7.45 39.74
CA ASN B 209 -14.41 8.51 40.69
C ASN B 209 -15.00 8.23 42.12
N PRO B 210 -14.51 7.20 42.79
CA PRO B 210 -15.07 6.80 44.09
C PRO B 210 -14.86 7.91 45.10
N LYS B 211 -15.86 8.14 45.97
CA LYS B 211 -15.75 9.08 47.09
C LYS B 211 -15.20 10.44 46.69
V1 V4O C . 4.40 -3.05 0.62
O0 V4O C . 5.57 -3.95 1.39
O1 V4O C . 3.03 -3.94 0.47
V2 V4O C . 4.81 -1.10 -1.91
O2 V4O C . 3.18 -0.72 -1.85
O3 V4O C . 5.10 -2.60 -0.97
O4 V4O C . 5.34 -1.35 -3.45
V3 V4O C . 5.02 1.76 -0.24
O5 V4O C . 5.95 3.10 -0.49
O6 V4O C . 5.65 0.34 -1.15
O7 V4O C . 3.47 2.14 -0.70
V4 V4O C . 5.07 -0.30 2.30
O8 V4O C . 5.00 1.30 1.51
O9 V4O C . 4.00 -1.51 1.50
O10 V4O C . 4.71 -0.11 3.90
O11 V4O C . 6.62 -0.90 2.16
V VO4 D . -5.14 18.47 -46.63
O1 VO4 D . -6.23 17.39 -45.89
O2 VO4 D . -5.23 18.25 -48.36
O3 VO4 D . -5.51 20.10 -46.16
O4 VO4 D . -3.53 18.27 -46.01
V VO4 E . 0.12 0.41 -56.25
O1 VO4 E . 0.21 -0.18 -54.68
O2 VO4 E . 1.73 0.46 -56.82
O3 VO4 E . -0.70 1.92 -56.39
O4 VO4 E . -0.55 -0.69 -57.37
C1 GOL F . -3.16 -0.35 -53.96
O1 GOL F . -2.27 -0.80 -54.96
C2 GOL F . -3.87 0.93 -54.39
O2 GOL F . -3.17 2.13 -54.09
C3 GOL F . -5.31 0.96 -53.88
O3 GOL F . -5.78 2.30 -53.83
C1 GOL G . 3.41 -2.24 -58.04
O1 GOL G . 2.72 -2.14 -56.82
C2 GOL G . 4.49 -1.14 -58.11
O2 GOL G . 4.22 -0.09 -59.02
C3 GOL G . 5.89 -1.72 -58.32
O3 GOL G . 6.69 -0.79 -59.03
V VO4 H . -13.91 -16.03 45.70
O1 VO4 H . -14.58 -14.69 44.90
O2 VO4 H . -14.67 -17.50 45.25
O3 VO4 H . -14.06 -15.77 47.44
O4 VO4 H . -12.25 -16.32 45.31
#